data_6RK1
#
_entry.id   6RK1
#
_cell.length_a   52.860
_cell.length_b   52.860
_cell.length_c   102.390
_cell.angle_alpha   90.00
_cell.angle_beta   90.00
_cell.angle_gamma   120.00
#
_symmetry.space_group_name_H-M   'P 31 2 1'
#
loop_
_entity.id
_entity.type
_entity.pdbx_description
1 polymer 'CCN family member 3'
2 non-polymer GLYCEROL
3 non-polymer 'SODIUM ION'
4 non-polymer 'CHLORIDE ION'
5 water water
#
_entity_poly.entity_id   1
_entity_poly.type   'polypeptide(L)'
_entity_poly.pdbx_seq_one_letter_code
;GSMDSSINCIEQTTEWSACSKSCGMGLSTRVTNRNLQCEMVKQTRLCMVRPCEQEPGE
;
_entity_poly.pdbx_strand_id   A,B
#
loop_
_chem_comp.id
_chem_comp.type
_chem_comp.name
_chem_comp.formula
CL non-polymer 'CHLORIDE ION' 'Cl -1'
GOL non-polymer GLYCEROL 'C3 H8 O3'
NA non-polymer 'SODIUM ION' 'Na 1'
#
# COMPACT_ATOMS: atom_id res chain seq x y z
N ASN A 8 17.69 7.65 -20.15
CA ASN A 8 17.22 6.27 -20.28
C ASN A 8 16.61 5.77 -18.97
N CYS A 9 16.28 4.48 -18.93
CA CYS A 9 15.68 3.86 -17.75
C CYS A 9 16.59 2.76 -17.24
N ILE A 10 16.99 2.87 -15.98
CA ILE A 10 17.75 1.83 -15.29
C ILE A 10 16.88 1.35 -14.13
N GLU A 11 16.63 0.04 -14.07
CA GLU A 11 15.70 -0.48 -13.08
C GLU A 11 16.22 -0.24 -11.66
N GLN A 12 15.30 0.16 -10.78
CA GLN A 12 15.61 0.42 -9.36
C GLN A 12 14.44 -0.10 -8.52
N THR A 13 14.70 -1.13 -7.70
CA THR A 13 13.71 -1.64 -6.75
C THR A 13 14.41 -2.02 -5.46
N THR A 14 13.93 -1.48 -4.34
CA THR A 14 14.51 -1.83 -3.05
C THR A 14 13.85 -3.08 -2.48
N GLU A 15 14.54 -3.70 -1.51
CA GLU A 15 13.93 -4.74 -0.71
C GLU A 15 12.79 -4.18 0.12
N TRP A 16 11.77 -5.02 0.36
CA TRP A 16 10.72 -4.64 1.31
C TRP A 16 11.32 -4.42 2.69
N SER A 17 10.97 -3.29 3.30
CA SER A 17 11.52 -2.95 4.61
C SER A 17 10.98 -3.87 5.69
N ALA A 18 11.69 -3.88 6.82
CA ALA A 18 11.15 -4.44 8.04
C ALA A 18 9.86 -3.72 8.43
N CYS A 19 9.06 -4.38 9.26
CA CYS A 19 7.82 -3.77 9.71
C CYS A 19 8.10 -2.51 10.51
N SER A 20 7.32 -1.45 10.23
CA SER A 20 7.57 -0.17 10.86
C SER A 20 7.26 -0.16 12.35
N LYS A 21 6.50 -1.14 12.84
CA LYS A 21 6.11 -1.19 14.24
C LYS A 21 6.52 -2.53 14.84
N SER A 22 6.97 -2.49 16.09
CA SER A 22 7.41 -3.69 16.79
C SER A 22 6.26 -4.53 17.31
N CYS A 23 5.06 -3.96 17.45
CA CYS A 23 3.87 -4.73 17.75
C CYS A 23 2.68 -4.07 17.08
N GLY A 24 1.63 -4.87 16.86
CA GLY A 24 0.47 -4.36 16.17
C GLY A 24 0.71 -4.20 14.68
N MET A 25 -0.27 -3.57 14.02
N MET A 25 -0.27 -3.57 14.02
CA MET A 25 -0.22 -3.40 12.58
CA MET A 25 -0.21 -3.41 12.57
C MET A 25 0.70 -2.24 12.22
C MET A 25 0.70 -2.24 12.21
N GLY A 26 1.72 -2.52 11.42
CA GLY A 26 2.59 -1.49 10.87
C GLY A 26 2.60 -1.63 9.37
N LEU A 27 3.59 -1.01 8.70
CA LEU A 27 3.75 -1.12 7.26
C LEU A 27 5.15 -1.59 6.91
N SER A 28 5.23 -2.35 5.83
CA SER A 28 6.47 -2.65 5.13
C SER A 28 6.47 -1.88 3.82
N THR A 29 7.59 -1.24 3.49
CA THR A 29 7.65 -0.29 2.39
C THR A 29 8.82 -0.59 1.47
N ARG A 30 8.62 -0.45 0.17
CA ARG A 30 9.71 -0.45 -0.79
C ARG A 30 9.44 0.64 -1.83
N VAL A 31 10.44 0.93 -2.66
CA VAL A 31 10.26 1.81 -3.80
C VAL A 31 10.69 1.09 -5.07
N THR A 32 10.10 1.48 -6.20
CA THR A 32 10.38 0.84 -7.47
C THR A 32 10.09 1.81 -8.62
N ASN A 33 10.81 1.66 -9.73
CA ASN A 33 10.47 2.35 -10.97
C ASN A 33 9.98 1.40 -12.05
N ARG A 34 9.48 0.22 -11.67
CA ARG A 34 8.98 -0.77 -12.63
C ARG A 34 7.57 -0.39 -13.09
N ASN A 35 7.53 0.63 -13.95
CA ASN A 35 6.30 1.11 -14.54
C ASN A 35 6.63 1.77 -15.86
N LEU A 36 5.61 2.03 -16.68
CA LEU A 36 5.85 2.44 -18.06
C LEU A 36 6.59 3.78 -18.15
N GLN A 37 6.39 4.67 -17.18
CA GLN A 37 7.10 5.94 -17.20
CA GLN A 37 7.08 5.95 -17.15
C GLN A 37 8.46 5.87 -16.52
N CYS A 38 8.83 4.71 -15.97
CA CYS A 38 10.10 4.52 -15.28
C CYS A 38 10.33 5.61 -14.24
N GLU A 39 9.34 5.83 -13.38
CA GLU A 39 9.41 6.81 -12.31
C GLU A 39 9.34 6.10 -10.97
N MET A 40 10.09 6.60 -9.99
CA MET A 40 10.07 5.99 -8.66
C MET A 40 8.69 6.17 -8.03
N VAL A 41 8.12 5.08 -7.55
CA VAL A 41 6.90 5.10 -6.75
C VAL A 41 7.11 4.26 -5.50
N LYS A 42 6.28 4.50 -4.50
CA LYS A 42 6.31 3.77 -3.23
C LYS A 42 5.23 2.68 -3.25
N GLN A 43 5.56 1.53 -2.64
CA GLN A 43 4.59 0.48 -2.33
C GLN A 43 4.62 0.19 -0.84
N THR A 44 3.44 -0.06 -0.25
CA THR A 44 3.33 -0.37 1.17
C THR A 44 2.38 -1.54 1.38
N ARG A 45 2.69 -2.37 2.38
CA ARG A 45 1.85 -3.49 2.78
C ARG A 45 1.78 -3.56 4.30
N LEU A 46 0.59 -3.89 4.81
CA LEU A 46 0.41 -4.10 6.24
C LEU A 46 1.27 -5.27 6.70
N CYS A 47 1.72 -5.20 7.96
CA CYS A 47 2.54 -6.23 8.57
C CYS A 47 2.29 -6.22 10.08
N MET A 48 2.56 -7.36 10.71
CA MET A 48 2.51 -7.44 12.18
C MET A 48 3.59 -8.40 12.65
N VAL A 49 4.51 -7.89 13.47
CA VAL A 49 5.54 -8.74 14.06
C VAL A 49 4.93 -9.63 15.14
N ARG A 50 4.13 -9.02 16.02
N ARG A 50 4.13 -9.03 16.01
CA ARG A 50 3.37 -9.69 17.05
CA ARG A 50 3.35 -9.73 17.02
C ARG A 50 2.26 -8.74 17.50
C ARG A 50 2.30 -8.75 17.55
N PRO A 51 1.22 -9.25 18.14
CA PRO A 51 0.21 -8.33 18.69
C PRO A 51 0.79 -7.55 19.86
N CYS A 52 0.33 -6.32 20.02
CA CYS A 52 0.64 -5.61 21.25
C CYS A 52 -0.11 -6.27 22.40
N GLU A 53 0.55 -6.38 23.54
CA GLU A 53 -0.12 -6.94 24.71
C GLU A 53 -1.12 -5.92 25.25
N ASN B 8 -16.70 -4.04 21.61
CA ASN B 8 -17.73 -4.08 20.59
C ASN B 8 -17.12 -3.79 19.22
N CYS B 9 -17.17 -4.78 18.33
CA CYS B 9 -16.56 -4.66 17.01
C CYS B 9 -17.58 -5.08 15.95
N ILE B 10 -17.87 -4.17 15.03
CA ILE B 10 -18.67 -4.48 13.84
C ILE B 10 -17.75 -4.38 12.63
N GLU B 11 -17.57 -5.50 11.93
CA GLU B 11 -16.65 -5.48 10.78
C GLU B 11 -17.09 -4.47 9.74
N GLN B 12 -16.12 -3.75 9.20
CA GLN B 12 -16.37 -2.73 8.18
C GLN B 12 -15.17 -2.67 7.26
N THR B 13 -15.39 -2.97 5.98
CA THR B 13 -14.36 -2.84 4.94
C THR B 13 -15.00 -2.18 3.73
N THR B 14 -14.47 -1.04 3.33
CA THR B 14 -15.07 -0.33 2.21
C THR B 14 -14.58 -0.89 0.89
N GLU B 15 -15.27 -0.51 -0.18
CA GLU B 15 -14.85 -0.88 -1.53
C GLU B 15 -13.57 -0.15 -1.91
N TRP B 16 -12.74 -0.84 -2.69
CA TRP B 16 -11.55 -0.20 -3.26
C TRP B 16 -11.96 0.98 -4.12
N SER B 17 -11.27 2.10 -3.93
CA SER B 17 -11.64 3.32 -4.63
C SER B 17 -11.22 3.26 -6.09
N ALA B 18 -11.81 4.15 -6.89
CA ALA B 18 -11.28 4.38 -8.23
C ALA B 18 -9.84 4.87 -8.15
N CYS B 19 -9.11 4.65 -9.23
CA CYS B 19 -7.70 5.05 -9.28
C CYS B 19 -7.57 6.57 -9.16
N SER B 20 -6.58 7.01 -8.38
CA SER B 20 -6.41 8.44 -8.13
C SER B 20 -5.93 9.20 -9.35
N LYS B 21 -5.43 8.52 -10.37
CA LYS B 21 -4.93 9.18 -11.57
C LYS B 21 -5.58 8.57 -12.79
N SER B 22 -5.82 9.41 -13.81
CA SER B 22 -6.50 8.95 -15.02
C SER B 22 -5.56 8.31 -16.02
N CYS B 23 -4.25 8.50 -15.88
CA CYS B 23 -3.28 7.73 -16.65
C CYS B 23 -2.06 7.47 -15.78
N GLY B 24 -1.30 6.43 -16.13
CA GLY B 24 -0.12 6.11 -15.37
C GLY B 24 -0.45 5.53 -13.99
N MET B 25 0.59 5.45 -13.16
N MET B 25 0.59 5.45 -13.16
CA MET B 25 0.45 4.83 -11.84
CA MET B 25 0.46 4.84 -11.84
C MET B 25 -0.24 5.79 -10.89
C MET B 25 -0.25 5.80 -10.89
N GLY B 26 -1.37 5.36 -10.34
CA GLY B 26 -2.05 6.08 -9.29
C GLY B 26 -2.25 5.17 -8.10
N LEU B 27 -3.15 5.52 -7.18
CA LEU B 27 -3.44 4.73 -6.00
C LEU B 27 -4.93 4.44 -5.89
N SER B 28 -5.25 3.24 -5.42
CA SER B 28 -6.61 2.86 -5.04
C SER B 28 -6.57 2.54 -3.56
N THR B 29 -7.58 3.00 -2.81
CA THR B 29 -7.56 2.88 -1.36
C THR B 29 -8.87 2.31 -0.82
N ARG B 30 -8.77 1.69 0.35
CA ARG B 30 -9.95 1.32 1.13
C ARG B 30 -9.58 1.38 2.60
N VAL B 31 -10.59 1.29 3.46
CA VAL B 31 -10.37 1.21 4.90
C VAL B 31 -11.02 -0.06 5.44
N THR B 32 -10.41 -0.62 6.48
CA THR B 32 -10.86 -1.86 7.07
C THR B 32 -10.52 -1.86 8.56
N ASN B 33 -11.35 -2.55 9.35
CA ASN B 33 -11.01 -2.81 10.74
C ASN B 33 -10.74 -4.29 11.00
N ARG B 34 -10.38 -5.05 9.96
CA ARG B 34 -10.06 -6.49 10.12
C ARG B 34 -8.66 -6.63 10.72
N ASN B 35 -8.57 -6.33 12.02
CA ASN B 35 -7.32 -6.42 12.76
C ASN B 35 -7.66 -6.58 14.23
N LEU B 36 -6.65 -6.97 15.03
CA LEU B 36 -6.93 -7.42 16.39
C LEU B 36 -7.48 -6.30 17.27
N GLN B 37 -7.12 -5.06 16.99
CA GLN B 37 -7.64 -3.92 17.74
C GLN B 37 -8.99 -3.43 17.24
N CYS B 38 -9.48 -3.99 16.12
CA CYS B 38 -10.72 -3.52 15.48
C CYS B 38 -10.67 -2.01 15.24
N GLU B 39 -9.56 -1.56 14.68
CA GLU B 39 -9.38 -0.15 14.36
C GLU B 39 -9.35 0.06 12.86
N MET B 40 -9.98 1.13 12.40
CA MET B 40 -9.97 1.46 10.98
C MET B 40 -8.55 1.78 10.54
N VAL B 41 -8.07 1.06 9.54
CA VAL B 41 -6.77 1.33 8.94
C VAL B 41 -6.94 1.41 7.42
N LYS B 42 -6.13 2.24 6.79
CA LYS B 42 -6.16 2.40 5.35
C LYS B 42 -5.26 1.36 4.68
N GLN B 43 -5.72 0.82 3.56
CA GLN B 43 -4.91 0.03 2.66
C GLN B 43 -4.83 0.73 1.31
N THR B 44 -3.67 0.67 0.66
CA THR B 44 -3.45 1.33 -0.62
C THR B 44 -2.80 0.36 -1.60
N ARG B 45 -3.14 0.51 -2.88
CA ARG B 45 -2.56 -0.30 -3.95
C ARG B 45 -2.30 0.56 -5.17
N LEU B 46 -1.16 0.32 -5.82
CA LEU B 46 -0.92 0.93 -7.13
C LEU B 46 -1.98 0.49 -8.13
N CYS B 47 -2.33 1.38 -9.06
CA CYS B 47 -3.29 1.09 -10.11
C CYS B 47 -2.89 1.85 -11.36
N MET B 48 -3.35 1.36 -12.52
CA MET B 48 -3.15 2.07 -13.78
C MET B 48 -4.40 1.88 -14.64
N VAL B 49 -5.13 2.96 -14.89
CA VAL B 49 -6.29 2.89 -15.77
C VAL B 49 -5.85 2.69 -17.20
N ARG B 50 -4.84 3.46 -17.62
CA ARG B 50 -4.31 3.48 -18.97
C ARG B 50 -2.94 4.14 -18.92
N PRO B 51 -2.07 3.88 -19.89
CA PRO B 51 -0.79 4.60 -19.95
C PRO B 51 -0.96 6.08 -20.28
N CYS B 52 -0.01 6.89 -19.82
CA CYS B 52 0.06 8.29 -20.20
C CYS B 52 0.80 8.48 -21.51
N GLU B 53 0.63 9.67 -22.08
CA GLU B 53 1.36 10.13 -23.26
C GLU B 53 2.76 10.63 -22.89
C1 GOL C . 18.20 6.18 -14.63
O1 GOL C . 18.99 7.28 -14.27
C2 GOL C . 16.93 6.16 -13.78
O2 GOL C . 15.96 5.33 -14.38
C3 GOL C . 17.26 5.67 -12.37
O3 GOL C . 17.99 4.47 -12.40
NA NA D . -0.15 0.10 0.18
NA NA E . 18.12 -4.28 -11.76
NA NA F . 16.94 -4.26 -6.69
CL CL G . 12.28 -8.02 -0.88
CL CL H . 0.99 -1.56 -4.37
CL CL I . 2.16 5.52 -18.21
CL CL J . 18.45 -1.86 -15.88
CL CL K . -1.94 -3.76 2.80
CL CL L . -13.93 -3.77 -3.59
#